data_8E7C
#
_entry.id   8E7C
#
_cell.length_a   64.144
_cell.length_b   64.144
_cell.length_c   261.807
_cell.angle_alpha   90.000
_cell.angle_beta   90.000
_cell.angle_gamma   120.000
#
_symmetry.space_group_name_H-M   'P 61'
#
loop_
_entity.id
_entity.type
_entity.pdbx_description
1 polymer 'Main Protease'
2 non-polymer N-[(2S)-1-({(2S,3S)-3,4-dihydroxy-1-[(3S)-2-oxopyrrolidin-3-yl]butan-2-yl}amino)-4-methyl-1-oxopentan-2-yl]-4-methoxy-1H-indole-2-carboxamide
3 non-polymer GLYCEROL
4 non-polymer 'DIMETHYL SULFOXIDE'
5 water water
#
_entity_poly.entity_id   1
_entity_poly.type   'polypeptide(L)'
_entity_poly.pdbx_seq_one_letter_code
;AGIKILLHPSGVVERCMVSVVYNGSALNGIWLKNVVYCPRHVIGKFRGDQWTHMVSIADCRDFIVKCPIQGIQLNVQSVK
MVGALLQLTVHTNNTATPDYKFERLQPGSSMTIACAYDGIVRHVYHVVLQLNNLIYASFLNGACGSVGYTLKGKTLYLHY
MHHIEFNNKTHSGTDLEGNFYGPYVDEEVIQQQTAFQYYTDNVVAQLYAHLLTVDARPKWLAQSQISIEDFNSWAANNSF
ANFPCEQTNMSYIMGLSQTARVPVERILNTIIQLTTNRDGACIMGSYDFECDWTPEMVYNQAPISLQ
;
_entity_poly.pdbx_strand_id   A,B
#
# COMPACT_ATOMS: atom_id res chain seq x y z
N ALA A 1 -13.68 25.26 -13.70
CA ALA A 1 -13.48 24.99 -15.12
C ALA A 1 -14.05 23.63 -15.50
N GLY A 2 -14.95 23.12 -14.65
CA GLY A 2 -15.55 21.82 -14.87
C GLY A 2 -14.92 20.74 -14.03
N ILE A 3 -15.76 19.90 -13.42
CA ILE A 3 -15.30 18.82 -12.55
C ILE A 3 -15.82 17.51 -13.13
N LYS A 4 -14.92 16.67 -13.61
CA LYS A 4 -15.27 15.40 -14.23
C LYS A 4 -14.46 14.28 -13.60
N ILE A 5 -14.96 13.05 -13.76
CA ILE A 5 -14.20 11.86 -13.40
C ILE A 5 -13.09 11.70 -14.44
N LEU A 6 -11.90 12.21 -14.11
CA LEU A 6 -10.80 12.16 -15.06
C LEU A 6 -10.14 10.78 -15.05
N LEU A 7 -9.45 10.47 -16.15
CA LEU A 7 -8.80 9.19 -16.32
C LEU A 7 -7.41 9.42 -16.90
N HIS A 8 -6.61 8.36 -16.87
CA HIS A 8 -5.28 8.57 -17.44
C HIS A 8 -5.21 8.03 -18.86
N PRO A 9 -4.50 8.73 -19.74
CA PRO A 9 -4.39 8.26 -21.13
C PRO A 9 -3.82 6.85 -21.21
N SER A 10 -4.39 6.06 -22.10
CA SER A 10 -4.07 4.64 -22.21
C SER A 10 -3.04 4.33 -23.29
N GLY A 11 -2.58 5.34 -24.04
CA GLY A 11 -1.64 5.08 -25.11
C GLY A 11 -0.37 4.40 -24.65
N VAL A 12 0.14 4.79 -23.48
CA VAL A 12 1.34 4.16 -22.94
C VAL A 12 1.09 2.69 -22.60
N VAL A 13 -0.08 2.40 -22.01
CA VAL A 13 -0.42 1.02 -21.68
C VAL A 13 -0.74 0.24 -22.94
N GLU A 14 -1.39 0.89 -23.92
CA GLU A 14 -1.85 0.19 -25.11
C GLU A 14 -0.70 -0.49 -25.84
N ARG A 15 0.39 0.25 -26.10
CA ARG A 15 1.51 -0.28 -26.86
C ARG A 15 2.24 -1.41 -26.14
N CYS A 16 1.87 -1.72 -24.90
CA CYS A 16 2.51 -2.79 -24.14
C CYS A 16 1.60 -4.00 -23.93
N MET A 17 0.33 -3.92 -24.31
CA MET A 17 -0.58 -5.04 -24.13
C MET A 17 -0.24 -6.16 -25.11
N VAL A 18 -0.30 -7.39 -24.61
CA VAL A 18 -0.11 -8.58 -25.43
C VAL A 18 -1.18 -9.60 -25.08
N SER A 19 -1.46 -10.49 -26.03
CA SER A 19 -2.34 -11.62 -25.80
C SER A 19 -1.51 -12.86 -25.51
N VAL A 20 -1.92 -13.62 -24.50
CA VAL A 20 -1.22 -14.82 -24.07
C VAL A 20 -2.16 -16.00 -24.18
N VAL A 21 -1.72 -17.03 -24.89
CA VAL A 21 -2.48 -18.26 -25.07
C VAL A 21 -1.61 -19.45 -24.67
N TYR A 22 -2.15 -20.31 -23.81
CA TYR A 22 -1.48 -21.54 -23.41
C TYR A 22 -2.53 -22.64 -23.37
N ASN A 23 -2.31 -23.70 -24.15
CA ASN A 23 -3.28 -24.78 -24.33
C ASN A 23 -4.57 -24.16 -24.86
N GLY A 24 -5.70 -24.30 -24.19
CA GLY A 24 -6.94 -23.70 -24.60
C GLY A 24 -7.32 -22.43 -23.86
N SER A 25 -6.47 -21.94 -22.97
CA SER A 25 -6.75 -20.75 -22.17
C SER A 25 -6.07 -19.53 -22.79
N ALA A 26 -6.81 -18.43 -22.89
CA ALA A 26 -6.30 -17.21 -23.50
C ALA A 26 -6.69 -16.01 -22.63
N LEU A 27 -5.75 -15.08 -22.46
CA LEU A 27 -5.99 -13.87 -21.70
C LEU A 27 -4.99 -12.81 -22.14
N ASN A 28 -4.88 -11.73 -21.38
CA ASN A 28 -4.03 -10.61 -21.71
C ASN A 28 -2.79 -10.57 -20.82
N GLY A 29 -1.85 -9.72 -21.22
CA GLY A 29 -0.64 -9.52 -20.45
C GLY A 29 0.06 -8.26 -20.91
N ILE A 30 0.93 -7.74 -20.03
CA ILE A 30 1.69 -6.54 -20.32
C ILE A 30 3.15 -6.93 -20.56
N TRP A 31 3.75 -6.33 -21.57
CA TRP A 31 5.09 -6.67 -22.04
C TRP A 31 6.02 -5.51 -21.70
N LEU A 32 6.73 -5.63 -20.58
CA LEU A 32 7.67 -4.62 -20.11
C LEU A 32 9.09 -5.15 -20.27
N LYS A 33 9.95 -4.34 -20.88
CA LYS A 33 11.32 -4.75 -21.20
C LYS A 33 11.32 -6.04 -22.01
N ASN A 34 11.79 -7.12 -21.41
CA ASN A 34 11.81 -8.44 -22.06
C ASN A 34 10.99 -9.46 -21.27
N VAL A 35 9.98 -8.98 -20.53
CA VAL A 35 9.17 -9.81 -19.66
C VAL A 35 7.70 -9.57 -19.95
N VAL A 36 6.90 -10.63 -19.91
CA VAL A 36 5.46 -10.56 -20.05
C VAL A 36 4.82 -10.98 -18.74
N TYR A 37 3.96 -10.12 -18.20
CA TYR A 37 3.26 -10.38 -16.94
C TYR A 37 1.81 -10.71 -17.25
N CYS A 38 1.37 -11.88 -16.80
CA CYS A 38 0.03 -12.38 -17.12
C CYS A 38 -0.46 -13.21 -15.94
N PRO A 39 -1.78 -13.36 -15.79
CA PRO A 39 -2.31 -14.23 -14.73
C PRO A 39 -1.77 -15.64 -14.85
N ARG A 40 -1.41 -16.23 -13.70
CA ARG A 40 -0.76 -17.53 -13.69
C ARG A 40 -1.69 -18.67 -14.05
N HIS A 41 -3.00 -18.46 -13.99
CA HIS A 41 -3.95 -19.52 -14.33
C HIS A 41 -4.11 -19.71 -15.83
N VAL A 42 -3.32 -19.01 -16.65
CA VAL A 42 -3.31 -19.25 -18.09
C VAL A 42 -2.79 -20.64 -18.44
N ILE A 43 -2.15 -21.32 -17.49
CA ILE A 43 -1.65 -22.68 -17.70
C ILE A 43 -2.58 -23.74 -17.14
N GLY A 44 -3.63 -23.36 -16.43
CA GLY A 44 -4.56 -24.31 -15.85
C GLY A 44 -5.21 -23.73 -14.61
N LYS A 45 -6.29 -24.37 -14.20
CA LYS A 45 -7.10 -23.93 -13.06
C LYS A 45 -6.79 -24.84 -11.88
N PHE A 46 -5.74 -24.48 -11.12
CA PHE A 46 -5.28 -25.24 -9.98
C PHE A 46 -5.55 -24.45 -8.69
N ARG A 47 -5.10 -25.00 -7.57
CA ARG A 47 -5.37 -24.39 -6.28
C ARG A 47 -4.27 -24.76 -5.29
N GLY A 48 -4.19 -23.98 -4.21
CA GLY A 48 -3.25 -24.29 -3.14
C GLY A 48 -1.81 -24.14 -3.57
N ASP A 49 -0.97 -25.08 -3.11
CA ASP A 49 0.46 -25.07 -3.39
C ASP A 49 0.83 -25.95 -4.58
N GLN A 50 -0.14 -26.30 -5.43
CA GLN A 50 0.14 -27.07 -6.64
C GLN A 50 0.58 -26.19 -7.81
N TRP A 51 0.74 -24.88 -7.61
CA TRP A 51 1.16 -24.01 -8.70
C TRP A 51 2.65 -24.19 -9.01
N THR A 52 3.46 -24.44 -7.98
CA THR A 52 4.91 -24.50 -8.17
C THR A 52 5.33 -25.66 -9.06
N HIS A 53 4.56 -26.75 -9.08
CA HIS A 53 4.89 -27.89 -9.92
C HIS A 53 4.47 -27.67 -11.37
N MET A 54 3.36 -26.96 -11.62
CA MET A 54 2.95 -26.76 -13.01
C MET A 54 3.84 -25.76 -13.74
N VAL A 55 4.29 -24.72 -13.04
CA VAL A 55 5.21 -23.76 -13.64
C VAL A 55 6.57 -24.40 -13.91
N SER A 56 6.99 -25.35 -13.07
CA SER A 56 8.26 -26.03 -13.30
C SER A 56 8.21 -26.89 -14.56
N ILE A 57 7.05 -27.44 -14.89
CA ILE A 57 6.90 -28.24 -16.11
C ILE A 57 6.16 -27.46 -17.20
N ALA A 58 6.10 -26.13 -17.08
CA ALA A 58 5.41 -25.32 -18.08
C ALA A 58 6.22 -25.28 -19.37
N ASP A 59 5.59 -25.70 -20.46
CA ASP A 59 6.24 -25.70 -21.77
C ASP A 59 6.38 -24.27 -22.25
N CYS A 60 7.62 -23.77 -22.29
CA CYS A 60 7.86 -22.36 -22.56
C CYS A 60 7.32 -21.96 -23.93
N ARG A 61 7.60 -22.77 -24.94
CA ARG A 61 7.16 -22.45 -26.30
C ARG A 61 5.66 -22.67 -26.50
N ASP A 62 4.99 -23.36 -25.59
CA ASP A 62 3.53 -23.52 -25.68
C ASP A 62 2.79 -22.21 -25.44
N PHE A 63 3.49 -21.16 -25.01
CA PHE A 63 2.86 -19.86 -24.81
C PHE A 63 2.78 -19.12 -26.14
N ILE A 64 1.57 -18.74 -26.54
CA ILE A 64 1.35 -17.96 -27.75
C ILE A 64 1.24 -16.51 -27.29
N VAL A 65 2.31 -15.75 -27.48
CA VAL A 65 2.40 -14.37 -27.00
C VAL A 65 2.49 -13.47 -28.23
N LYS A 66 1.44 -12.69 -28.47
CA LYS A 66 1.37 -11.78 -29.59
C LYS A 66 1.10 -10.36 -29.11
N CYS A 67 1.86 -9.40 -29.64
CA CYS A 67 1.60 -7.99 -29.40
C CYS A 67 0.85 -7.42 -30.59
N PRO A 68 -0.48 -7.27 -30.52
CA PRO A 68 -1.22 -6.82 -31.71
C PRO A 68 -0.93 -5.38 -32.09
N ILE A 69 -0.51 -4.55 -31.14
CA ILE A 69 -0.27 -3.14 -31.41
C ILE A 69 1.03 -2.92 -32.19
N GLN A 70 1.99 -3.83 -32.08
CA GLN A 70 3.24 -3.75 -32.84
C GLN A 70 3.37 -4.84 -33.89
N GLY A 71 2.44 -5.79 -33.94
CA GLY A 71 2.49 -6.84 -34.94
C GLY A 71 3.67 -7.78 -34.82
N ILE A 72 4.01 -8.18 -33.59
CA ILE A 72 5.14 -9.07 -33.35
C ILE A 72 4.65 -10.29 -32.57
N GLN A 73 5.21 -11.45 -32.90
CA GLN A 73 4.97 -12.67 -32.17
C GLN A 73 6.21 -12.99 -31.34
N LEU A 74 6.02 -13.10 -30.03
CA LEU A 74 7.13 -13.24 -29.11
C LEU A 74 7.33 -14.70 -28.70
N ASN A 75 8.57 -15.03 -28.33
CA ASN A 75 8.96 -16.40 -28.00
C ASN A 75 9.40 -16.43 -26.54
N VAL A 76 8.74 -17.25 -25.74
CA VAL A 76 9.00 -17.33 -24.32
C VAL A 76 10.20 -18.25 -24.08
N GLN A 77 11.23 -17.71 -23.44
CA GLN A 77 12.43 -18.48 -23.14
CA GLN A 77 12.43 -18.48 -23.14
C GLN A 77 12.33 -19.21 -21.80
N SER A 78 11.91 -18.50 -20.75
CA SER A 78 11.77 -19.08 -19.42
C SER A 78 10.53 -18.53 -18.76
N VAL A 79 9.99 -19.31 -17.81
CA VAL A 79 8.78 -18.96 -17.08
C VAL A 79 9.12 -18.92 -15.60
N LYS A 80 8.76 -17.82 -14.94
CA LYS A 80 9.01 -17.63 -13.51
C LYS A 80 7.73 -17.12 -12.85
N MET A 81 7.11 -17.96 -12.03
CA MET A 81 5.93 -17.55 -11.30
C MET A 81 6.33 -16.68 -10.13
N VAL A 82 5.77 -15.48 -10.06
CA VAL A 82 6.06 -14.53 -8.98
C VAL A 82 4.71 -14.20 -8.35
N GLY A 83 4.36 -14.92 -7.28
CA GLY A 83 3.06 -14.72 -6.65
C GLY A 83 1.98 -15.43 -7.43
N ALA A 84 0.94 -14.68 -7.77
CA ALA A 84 -0.14 -15.20 -8.61
C ALA A 84 0.01 -14.79 -10.07
N LEU A 85 1.20 -14.38 -10.47
CA LEU A 85 1.48 -13.91 -11.82
C LEU A 85 2.57 -14.75 -12.46
N LEU A 86 2.67 -14.65 -13.78
CA LEU A 86 3.71 -15.31 -14.56
C LEU A 86 4.60 -14.26 -15.20
N GLN A 87 5.91 -14.38 -15.02
CA GLN A 87 6.89 -13.50 -15.64
C GLN A 87 7.57 -14.29 -16.75
N LEU A 88 7.07 -14.13 -17.98
CA LEU A 88 7.59 -14.84 -19.14
C LEU A 88 8.67 -13.99 -19.78
N THR A 89 9.92 -14.43 -19.68
CA THR A 89 11.03 -13.73 -20.31
C THR A 89 11.07 -14.07 -21.79
N VAL A 90 10.98 -13.04 -22.63
CA VAL A 90 11.00 -13.21 -24.08
C VAL A 90 12.33 -12.72 -24.63
N HIS A 91 12.61 -13.11 -25.87
CA HIS A 91 13.86 -12.70 -26.51
C HIS A 91 13.81 -11.23 -26.91
N THR A 92 12.66 -10.76 -27.37
CA THR A 92 12.54 -9.39 -27.86
C THR A 92 12.32 -8.41 -26.70
N ASN A 93 12.99 -7.27 -26.77
CA ASN A 93 12.79 -6.19 -25.81
C ASN A 93 11.77 -5.22 -26.37
N ASN A 94 10.81 -4.82 -25.53
CA ASN A 94 9.74 -3.93 -25.97
C ASN A 94 10.32 -2.52 -26.14
N THR A 95 10.34 -2.03 -27.38
CA THR A 95 10.81 -0.68 -27.64
C THR A 95 9.88 0.37 -27.01
N ALA A 96 8.57 0.10 -27.05
CA ALA A 96 7.57 1.00 -26.46
C ALA A 96 7.55 0.98 -24.94
N THR A 97 8.52 0.39 -24.27
CA THR A 97 8.53 0.37 -22.81
C THR A 97 8.76 1.77 -22.26
N PRO A 98 7.86 2.30 -21.43
CA PRO A 98 8.10 3.61 -20.83
C PRO A 98 8.81 3.50 -19.49
N ASP A 99 9.05 4.63 -18.84
CA ASP A 99 9.46 4.61 -17.44
C ASP A 99 8.29 4.12 -16.59
N TYR A 100 8.50 3.05 -15.83
CA TYR A 100 7.41 2.42 -15.09
C TYR A 100 7.87 2.03 -13.70
N LYS A 101 6.90 1.95 -12.79
CA LYS A 101 7.12 1.48 -11.43
C LYS A 101 5.98 0.55 -11.05
N PHE A 102 6.29 -0.47 -10.25
CA PHE A 102 5.27 -1.36 -9.70
C PHE A 102 4.88 -0.82 -8.33
N GLU A 103 3.71 -0.19 -8.24
CA GLU A 103 3.27 0.51 -7.05
C GLU A 103 1.94 -0.06 -6.58
N ARG A 104 1.86 -0.40 -5.30
CA ARG A 104 0.64 -0.92 -4.72
C ARG A 104 -0.35 0.21 -4.47
N LEU A 105 -1.64 -0.09 -4.66
CA LEU A 105 -2.70 0.90 -4.53
C LEU A 105 -3.38 0.77 -3.17
N GLN A 106 -3.58 1.91 -2.51
CA GLN A 106 -4.25 1.92 -1.22
C GLN A 106 -5.76 1.89 -1.42
N PRO A 107 -6.49 1.19 -0.55
CA PRO A 107 -7.96 1.19 -0.65
C PRO A 107 -8.51 2.60 -0.50
N GLY A 108 -9.44 2.95 -1.38
CA GLY A 108 -10.01 4.28 -1.41
C GLY A 108 -9.43 5.19 -2.48
N SER A 109 -8.38 4.74 -3.17
CA SER A 109 -7.76 5.51 -4.24
C SER A 109 -8.33 5.09 -5.60
N SER A 110 -8.07 5.90 -6.61
CA SER A 110 -8.61 5.70 -7.94
C SER A 110 -7.51 5.24 -8.90
N MET A 111 -7.93 4.54 -9.94
CA MET A 111 -7.04 4.10 -11.01
C MET A 111 -7.86 3.90 -12.28
N THR A 112 -7.17 3.81 -13.40
CA THR A 112 -7.80 3.67 -14.71
C THR A 112 -7.61 2.23 -15.19
N ILE A 113 -8.69 1.62 -15.66
CA ILE A 113 -8.67 0.23 -16.13
C ILE A 113 -8.50 0.23 -17.63
N ALA A 114 -7.51 -0.52 -18.12
CA ALA A 114 -7.32 -0.75 -19.54
C ALA A 114 -7.89 -2.13 -19.87
N CYS A 115 -9.21 -2.18 -20.00
CA CYS A 115 -9.92 -3.42 -20.27
C CYS A 115 -9.56 -3.91 -21.67
N ALA A 116 -8.82 -5.00 -21.74
CA ALA A 116 -8.30 -5.52 -23.00
C ALA A 116 -8.92 -6.87 -23.34
N TYR A 117 -8.95 -7.16 -24.64
CA TYR A 117 -9.39 -8.45 -25.16
C TYR A 117 -8.50 -8.82 -26.33
N ASP A 118 -7.99 -10.05 -26.33
CA ASP A 118 -7.09 -10.53 -27.38
C ASP A 118 -5.86 -9.65 -27.51
N GLY A 119 -5.40 -9.06 -26.41
CA GLY A 119 -4.23 -8.23 -26.43
C GLY A 119 -4.44 -6.81 -26.90
N ILE A 120 -5.69 -6.35 -26.97
CA ILE A 120 -6.01 -5.00 -27.42
C ILE A 120 -6.96 -4.37 -26.41
N VAL A 121 -6.59 -3.21 -25.87
CA VAL A 121 -7.48 -2.48 -25.00
C VAL A 121 -8.69 -2.00 -25.80
N ARG A 122 -9.86 -2.50 -25.44
CA ARG A 122 -11.10 -2.11 -26.10
C ARG A 122 -11.83 -0.99 -25.37
N HIS A 123 -11.86 -1.03 -24.04
CA HIS A 123 -12.56 -0.03 -23.25
C HIS A 123 -11.62 0.51 -22.18
N VAL A 124 -11.99 1.67 -21.63
CA VAL A 124 -11.21 2.34 -20.61
C VAL A 124 -12.20 3.01 -19.65
N TYR A 125 -12.10 2.69 -18.37
CA TYR A 125 -13.00 3.27 -17.37
C TYR A 125 -12.23 3.46 -16.07
N HIS A 126 -12.91 4.08 -15.10
CA HIS A 126 -12.30 4.50 -13.84
C HIS A 126 -12.97 3.76 -12.69
N VAL A 127 -12.15 3.08 -11.89
CA VAL A 127 -12.63 2.37 -10.70
C VAL A 127 -11.89 2.91 -9.49
N VAL A 128 -12.39 2.55 -8.32
CA VAL A 128 -11.81 2.96 -7.04
C VAL A 128 -11.69 1.72 -6.16
N LEU A 129 -10.48 1.43 -5.69
CA LEU A 129 -10.26 0.30 -4.81
C LEU A 129 -10.98 0.51 -3.49
N GLN A 130 -11.88 -0.41 -3.15
CA GLN A 130 -12.72 -0.26 -1.97
C GLN A 130 -12.07 -0.91 -0.75
N LEU A 131 -12.68 -0.66 0.41
CA LEU A 131 -12.13 -1.16 1.67
C LEU A 131 -12.19 -2.68 1.77
N ASN A 132 -13.09 -3.32 1.03
CA ASN A 132 -13.10 -4.77 0.93
C ASN A 132 -12.14 -5.30 -0.14
N ASN A 133 -11.22 -4.45 -0.59
CA ASN A 133 -10.18 -4.83 -1.56
C ASN A 133 -10.78 -5.27 -2.89
N LEU A 134 -11.95 -4.75 -3.24
CA LEU A 134 -12.61 -5.08 -4.49
C LEU A 134 -12.87 -3.81 -5.29
N ILE A 135 -13.11 -3.99 -6.59
CA ILE A 135 -13.49 -2.91 -7.48
C ILE A 135 -14.75 -3.31 -8.21
N TYR A 136 -15.58 -2.32 -8.53
CA TYR A 136 -16.81 -2.52 -9.29
C TYR A 136 -16.53 -2.09 -10.72
N ALA A 137 -16.23 -3.07 -11.58
CA ALA A 137 -15.81 -2.78 -12.95
C ALA A 137 -16.71 -3.48 -13.97
N SER A 138 -16.24 -3.57 -15.21
CA SER A 138 -16.98 -4.21 -16.29
C SER A 138 -16.01 -5.10 -17.06
N PHE A 139 -16.12 -6.41 -16.85
CA PHE A 139 -15.19 -7.37 -17.42
C PHE A 139 -15.97 -8.56 -17.98
N LEU A 140 -15.66 -8.96 -19.19
CA LEU A 140 -16.19 -10.18 -19.79
C LEU A 140 -15.08 -11.24 -19.84
N ASN A 141 -15.41 -12.40 -20.40
CA ASN A 141 -14.42 -13.45 -20.55
C ASN A 141 -13.34 -13.03 -21.53
N GLY A 142 -12.09 -13.32 -21.18
CA GLY A 142 -10.96 -12.85 -21.96
C GLY A 142 -10.39 -11.52 -21.50
N ALA A 143 -10.89 -10.97 -20.38
CA ALA A 143 -10.39 -9.71 -19.85
C ALA A 143 -9.36 -9.91 -18.75
N CYS A 144 -9.04 -11.15 -18.40
CA CYS A 144 -7.96 -11.40 -17.46
C CYS A 144 -6.64 -10.92 -18.05
N GLY A 145 -5.85 -10.24 -17.22
CA GLY A 145 -4.65 -9.57 -17.68
C GLY A 145 -4.80 -8.10 -17.92
N SER A 146 -6.04 -7.60 -17.95
CA SER A 146 -6.27 -6.17 -18.02
C SER A 146 -5.71 -5.49 -16.79
N VAL A 147 -5.04 -4.36 -17.00
CA VAL A 147 -4.27 -3.69 -15.95
C VAL A 147 -4.97 -2.41 -15.52
N GLY A 148 -4.90 -2.12 -14.23
CA GLY A 148 -5.26 -0.82 -13.70
C GLY A 148 -3.99 -0.02 -13.45
N TYR A 149 -4.04 1.26 -13.79
CA TYR A 149 -2.83 2.07 -13.83
C TYR A 149 -3.15 3.52 -13.53
N THR A 150 -2.10 4.28 -13.22
CA THR A 150 -2.14 5.73 -13.11
C THR A 150 -0.89 6.31 -13.73
N LEU A 151 -0.96 7.60 -14.07
CA LEU A 151 0.18 8.33 -14.61
C LEU A 151 0.46 9.55 -13.74
N LYS A 152 1.75 9.78 -13.45
CA LYS A 152 2.17 10.92 -12.65
C LYS A 152 2.96 11.92 -13.47
N GLY A 153 4.20 11.59 -13.83
CA GLY A 153 5.02 12.51 -14.61
C GLY A 153 5.98 11.78 -15.52
N LYS A 154 5.52 11.44 -16.73
CA LYS A 154 6.28 10.65 -17.70
C LYS A 154 6.65 9.27 -17.17
N THR A 155 5.98 8.83 -16.10
CA THR A 155 6.18 7.51 -15.53
C THR A 155 4.82 6.84 -15.35
N LEU A 156 4.71 5.60 -15.78
CA LEU A 156 3.47 4.84 -15.67
C LEU A 156 3.50 4.00 -14.41
N TYR A 157 2.43 4.09 -13.61
CA TYR A 157 2.32 3.37 -12.35
C TYR A 157 1.29 2.27 -12.50
N LEU A 158 1.75 1.03 -12.40
CA LEU A 158 0.90 -0.16 -12.56
C LEU A 158 0.50 -0.67 -11.19
N HIS A 159 -0.81 -0.85 -10.98
CA HIS A 159 -1.34 -1.28 -9.70
C HIS A 159 -2.16 -2.57 -9.75
N TYR A 160 -2.66 -2.97 -10.92
CA TYR A 160 -3.68 -4.00 -10.98
C TYR A 160 -3.48 -4.89 -12.20
N MET A 161 -3.91 -6.15 -12.05
CA MET A 161 -4.01 -7.10 -13.16
C MET A 161 -5.18 -8.01 -12.84
N HIS A 162 -6.12 -8.12 -13.78
CA HIS A 162 -7.39 -8.76 -13.49
C HIS A 162 -7.26 -10.27 -13.41
N HIS A 163 -8.06 -10.86 -12.52
CA HIS A 163 -8.07 -12.30 -12.30
C HIS A 163 -9.48 -12.84 -12.15
N ILE A 164 -10.19 -12.43 -11.10
CA ILE A 164 -11.44 -13.04 -10.70
C ILE A 164 -12.57 -12.01 -10.76
N GLU A 165 -13.77 -12.50 -11.04
CA GLU A 165 -14.99 -11.70 -11.00
C GLU A 165 -15.96 -12.37 -10.04
N PHE A 166 -16.29 -11.67 -8.96
CA PHE A 166 -17.28 -12.18 -8.04
C PHE A 166 -18.69 -11.79 -8.50
N ASN A 167 -19.67 -12.60 -8.09
CA ASN A 167 -21.00 -12.53 -8.69
C ASN A 167 -21.75 -11.24 -8.33
N ASN A 168 -21.34 -10.55 -7.27
CA ASN A 168 -21.99 -9.28 -6.91
C ASN A 168 -21.41 -8.12 -7.71
N LYS A 169 -21.08 -8.35 -8.98
CA LYS A 169 -20.52 -7.36 -9.89
C LYS A 169 -19.20 -6.79 -9.38
N THR A 170 -18.54 -7.48 -8.45
CA THR A 170 -17.24 -7.05 -7.95
C THR A 170 -16.14 -7.88 -8.58
N HIS A 171 -14.94 -7.29 -8.63
CA HIS A 171 -13.79 -7.92 -9.26
C HIS A 171 -12.58 -7.81 -8.35
N SER A 172 -11.65 -8.74 -8.53
CA SER A 172 -10.44 -8.80 -7.72
C SER A 172 -9.27 -9.20 -8.59
N GLY A 173 -8.07 -9.00 -8.05
CA GLY A 173 -6.87 -9.36 -8.78
C GLY A 173 -5.65 -9.07 -7.93
N THR A 174 -4.49 -9.11 -8.57
CA THR A 174 -3.22 -8.84 -7.93
C THR A 174 -2.68 -7.49 -8.41
N ASP A 175 -1.55 -7.09 -7.85
CA ASP A 175 -0.78 -6.00 -8.41
C ASP A 175 0.14 -6.56 -9.49
N LEU A 176 1.06 -5.76 -10.00
CA LEU A 176 2.02 -6.26 -10.96
C LEU A 176 3.13 -7.07 -10.31
N GLU A 177 3.11 -7.21 -8.99
CA GLU A 177 4.05 -8.06 -8.27
C GLU A 177 3.54 -9.48 -8.07
N GLY A 178 2.22 -9.68 -8.13
CA GLY A 178 1.62 -10.97 -7.91
C GLY A 178 0.92 -11.15 -6.58
N ASN A 179 0.66 -10.08 -5.84
CA ASN A 179 0.03 -10.16 -4.52
C ASN A 179 -1.43 -9.73 -4.63
N PHE A 180 -2.33 -10.61 -4.22
CA PHE A 180 -3.76 -10.34 -4.31
C PHE A 180 -4.16 -9.19 -3.40
N TYR A 181 -5.12 -8.40 -3.86
CA TYR A 181 -5.75 -7.37 -3.03
C TYR A 181 -6.80 -8.05 -2.16
N GLY A 182 -6.55 -8.12 -0.86
CA GLY A 182 -7.42 -8.83 0.05
C GLY A 182 -7.03 -10.30 0.17
N PRO A 183 -7.84 -11.08 0.86
CA PRO A 183 -7.49 -12.49 1.08
C PRO A 183 -8.04 -13.41 -0.01
N TYR A 184 -8.36 -12.85 -1.17
CA TYR A 184 -8.93 -13.63 -2.25
C TYR A 184 -7.83 -14.34 -3.03
N VAL A 185 -8.21 -15.45 -3.66
CA VAL A 185 -7.28 -16.28 -4.42
C VAL A 185 -7.83 -16.51 -5.82
N ASP A 186 -6.95 -16.92 -6.73
CA ASP A 186 -7.31 -17.18 -8.12
C ASP A 186 -7.78 -18.63 -8.28
N GLU A 187 -8.80 -18.99 -7.50
CA GLU A 187 -9.33 -20.34 -7.49
C GLU A 187 -10.85 -20.28 -7.57
N GLU A 188 -11.42 -21.24 -8.31
CA GLU A 188 -12.88 -21.31 -8.48
C GLU A 188 -13.48 -22.07 -7.31
N VAL A 189 -13.60 -21.36 -6.18
CA VAL A 189 -14.11 -21.95 -4.95
C VAL A 189 -15.02 -20.95 -4.25
N ILE A 190 -15.44 -21.28 -3.03
CA ILE A 190 -16.28 -20.39 -2.24
C ILE A 190 -15.39 -19.36 -1.55
N GLN A 191 -15.60 -18.09 -1.86
CA GLN A 191 -14.81 -17.00 -1.31
C GLN A 191 -15.74 -15.97 -0.67
N GLN A 192 -15.62 -15.80 0.64
CA GLN A 192 -16.38 -14.78 1.35
C GLN A 192 -15.62 -13.46 1.32
N GLN A 193 -16.36 -12.38 1.07
CA GLN A 193 -15.78 -11.05 0.99
C GLN A 193 -15.99 -10.31 2.30
N THR A 194 -15.02 -9.49 2.67
CA THR A 194 -15.12 -8.70 3.89
C THR A 194 -16.31 -7.74 3.80
N ALA A 195 -16.85 -7.38 4.96
CA ALA A 195 -18.02 -6.51 5.02
C ALA A 195 -17.72 -5.17 4.36
N PHE A 196 -18.64 -4.72 3.51
CA PHE A 196 -18.44 -3.47 2.78
C PHE A 196 -18.45 -2.29 3.74
N GLN A 197 -17.42 -1.47 3.68
CA GLN A 197 -17.30 -0.27 4.49
C GLN A 197 -17.12 0.93 3.58
N TYR A 198 -17.81 2.03 3.89
CA TYR A 198 -17.71 3.23 3.08
C TYR A 198 -16.38 3.93 3.32
N TYR A 199 -15.67 4.25 2.24
CA TYR A 199 -14.48 5.08 2.33
C TYR A 199 -14.94 6.51 2.58
N THR A 200 -14.89 6.94 3.85
CA THR A 200 -15.47 8.21 4.24
C THR A 200 -14.86 9.38 3.46
N ASP A 201 -13.56 9.32 3.20
CA ASP A 201 -12.89 10.40 2.48
C ASP A 201 -13.49 10.62 1.09
N ASN A 202 -13.93 9.55 0.44
CA ASN A 202 -14.54 9.68 -0.88
C ASN A 202 -16.02 10.04 -0.81
N VAL A 203 -16.69 9.66 0.28
CA VAL A 203 -18.07 10.11 0.48
C VAL A 203 -18.09 11.62 0.72
N VAL A 204 -17.15 12.13 1.51
CA VAL A 204 -17.04 13.58 1.72
C VAL A 204 -16.69 14.27 0.40
N ALA A 205 -15.82 13.64 -0.40
CA ALA A 205 -15.43 14.25 -1.67
C ALA A 205 -16.61 14.34 -2.63
N GLN A 206 -17.39 13.26 -2.73
CA GLN A 206 -18.56 13.27 -3.59
C GLN A 206 -19.58 14.31 -3.14
N LEU A 207 -19.64 14.59 -1.83
CA LEU A 207 -20.55 15.63 -1.35
C LEU A 207 -20.07 17.02 -1.73
N TYR A 208 -18.75 17.26 -1.65
CA TYR A 208 -18.22 18.57 -2.01
C TYR A 208 -18.36 18.84 -3.49
N ALA A 209 -18.32 17.79 -4.32
CA ALA A 209 -18.49 17.98 -5.76
C ALA A 209 -19.89 18.46 -6.10
N HIS A 210 -20.91 18.00 -5.36
CA HIS A 210 -22.26 18.51 -5.56
C HIS A 210 -22.36 19.98 -5.14
N LEU A 211 -21.81 20.31 -3.97
CA LEU A 211 -21.84 21.68 -3.48
C LEU A 211 -21.13 22.64 -4.44
N LEU A 212 -20.19 22.13 -5.23
CA LEU A 212 -19.49 22.96 -6.19
C LEU A 212 -20.26 23.12 -7.50
N THR A 213 -21.09 22.12 -7.86
CA THR A 213 -21.73 22.09 -9.17
C THR A 213 -23.24 22.22 -9.13
N VAL A 214 -23.89 21.90 -8.00
CA VAL A 214 -25.35 21.98 -7.96
C VAL A 214 -25.82 23.43 -8.01
N ASP A 215 -25.01 24.36 -7.49
CA ASP A 215 -25.33 25.79 -7.48
C ASP A 215 -26.57 26.11 -6.66
N ALA A 216 -27.59 25.25 -6.68
CA ALA A 216 -28.77 25.46 -5.84
C ALA A 216 -28.54 24.82 -4.48
N ARG A 217 -29.04 25.49 -3.43
CA ARG A 217 -28.97 24.99 -2.07
C ARG A 217 -29.57 23.61 -1.96
N PRO A 218 -28.76 22.58 -1.67
CA PRO A 218 -29.32 21.23 -1.52
C PRO A 218 -30.22 21.16 -0.30
N LYS A 219 -31.36 20.48 -0.46
CA LYS A 219 -32.27 20.27 0.65
C LYS A 219 -31.79 19.18 1.61
N TRP A 220 -30.65 18.55 1.34
CA TRP A 220 -30.08 17.55 2.23
C TRP A 220 -28.88 18.05 3.03
N LEU A 221 -28.32 19.21 2.69
CA LEU A 221 -27.21 19.77 3.44
C LEU A 221 -27.77 20.36 4.73
N ALA A 222 -27.55 19.65 5.84
CA ALA A 222 -28.14 20.04 7.11
C ALA A 222 -27.54 21.35 7.62
N GLN A 223 -28.23 21.94 8.58
CA GLN A 223 -27.81 23.21 9.19
C GLN A 223 -27.04 23.00 10.48
N SER A 224 -26.82 21.76 10.90
CA SER A 224 -26.10 21.46 12.15
C SER A 224 -24.70 20.96 11.82
N GLN A 225 -23.92 20.72 12.87
CA GLN A 225 -22.55 20.25 12.74
C GLN A 225 -22.33 19.05 13.64
N ILE A 226 -21.39 18.19 13.25
CA ILE A 226 -20.93 17.08 14.06
C ILE A 226 -19.41 17.01 13.93
N SER A 227 -18.73 16.75 15.04
CA SER A 227 -17.28 16.77 15.07
C SER A 227 -16.70 15.45 14.58
N ILE A 228 -15.38 15.44 14.36
CA ILE A 228 -14.71 14.25 13.86
C ILE A 228 -14.76 13.13 14.88
N GLU A 229 -14.62 13.46 16.16
CA GLU A 229 -14.72 12.44 17.21
C GLU A 229 -16.13 11.89 17.31
N ASP A 230 -17.13 12.78 17.30
CA ASP A 230 -18.52 12.34 17.34
C ASP A 230 -18.87 11.53 16.10
N PHE A 231 -18.27 11.85 14.95
CA PHE A 231 -18.53 11.08 13.74
C PHE A 231 -17.86 9.72 13.79
N ASN A 232 -16.61 9.66 14.26
CA ASN A 232 -15.89 8.40 14.29
C ASN A 232 -16.46 7.45 15.34
N SER A 233 -17.03 7.98 16.42
CA SER A 233 -17.76 7.13 17.36
C SER A 233 -19.03 6.59 16.74
N TRP A 234 -19.67 7.37 15.86
CA TRP A 234 -20.87 6.92 15.16
C TRP A 234 -20.52 6.02 13.97
N ALA A 235 -19.36 6.25 13.34
CA ALA A 235 -18.95 5.49 12.17
C ALA A 235 -18.66 4.02 12.48
N ALA A 236 -18.27 3.71 13.72
CA ALA A 236 -17.94 2.34 14.06
C ALA A 236 -19.16 1.43 14.05
N ASN A 237 -20.36 1.98 14.21
CA ASN A 237 -21.58 1.20 14.21
C ASN A 237 -22.46 1.47 13.00
N ASN A 238 -21.95 2.23 12.02
CA ASN A 238 -22.73 2.56 10.83
C ASN A 238 -21.97 2.28 9.54
N SER A 239 -21.00 1.36 9.59
CA SER A 239 -20.31 0.87 8.39
C SER A 239 -19.57 2.00 7.66
N PHE A 240 -18.96 2.90 8.41
CA PHE A 240 -18.16 3.97 7.86
C PHE A 240 -16.73 3.88 8.40
N ALA A 241 -15.75 4.09 7.52
CA ALA A 241 -14.36 4.01 7.93
C ALA A 241 -14.00 5.20 8.82
N ASN A 242 -12.85 5.11 9.48
CA ASN A 242 -12.39 6.17 10.35
C ASN A 242 -11.98 7.38 9.53
N PHE A 243 -12.52 8.55 9.88
CA PHE A 243 -12.26 9.79 9.17
C PHE A 243 -11.24 10.62 9.94
N PRO A 244 -10.17 11.10 9.30
CA PRO A 244 -9.88 10.87 7.88
C PRO A 244 -9.18 9.53 7.61
N CYS A 245 -9.55 8.89 6.50
CA CYS A 245 -8.88 7.65 6.12
C CYS A 245 -7.45 7.91 5.65
N GLU A 246 -7.17 9.12 5.16
CA GLU A 246 -5.83 9.50 4.72
C GLU A 246 -5.57 10.94 5.10
N GLN A 247 -4.43 11.20 5.74
CA GLN A 247 -4.08 12.55 6.14
C GLN A 247 -3.84 13.44 4.93
N THR A 248 -3.33 12.87 3.82
CA THR A 248 -3.13 13.65 2.62
C THR A 248 -4.44 14.10 2.00
N ASN A 249 -5.50 13.30 2.16
CA ASN A 249 -6.80 13.68 1.62
C ASN A 249 -7.39 14.87 2.36
N MET A 250 -7.02 15.06 3.63
CA MET A 250 -7.52 16.20 4.38
C MET A 250 -7.10 17.52 3.73
N SER A 251 -5.87 17.58 3.23
CA SER A 251 -5.40 18.78 2.53
C SER A 251 -6.32 19.15 1.37
N TYR A 252 -6.91 18.15 0.70
CA TYR A 252 -7.87 18.42 -0.36
C TYR A 252 -9.24 18.76 0.21
N ILE A 253 -9.69 18.00 1.22
CA ILE A 253 -10.98 18.28 1.86
C ILE A 253 -10.94 19.64 2.55
N MET A 254 -9.76 20.09 2.97
CA MET A 254 -9.66 21.41 3.59
C MET A 254 -9.78 22.52 2.54
N GLY A 255 -9.12 22.35 1.39
CA GLY A 255 -9.29 23.31 0.32
C GLY A 255 -10.71 23.33 -0.22
N LEU A 256 -11.36 22.16 -0.26
CA LEU A 256 -12.76 22.11 -0.67
C LEU A 256 -13.67 22.79 0.35
N SER A 257 -13.30 22.73 1.64
CA SER A 257 -14.12 23.37 2.66
C SER A 257 -14.00 24.89 2.61
N GLN A 258 -12.85 25.40 2.17
CA GLN A 258 -12.66 26.84 2.05
C GLN A 258 -13.12 27.39 0.71
N THR A 259 -12.97 26.62 -0.37
CA THR A 259 -13.46 27.07 -1.66
C THR A 259 -14.97 26.97 -1.80
N ALA A 260 -15.62 26.14 -0.97
CA ALA A 260 -17.08 26.07 -0.93
C ALA A 260 -17.66 26.77 0.29
N ARG A 261 -16.82 27.20 1.23
CA ARG A 261 -17.26 27.84 2.46
C ARG A 261 -18.22 26.97 3.26
N VAL A 262 -18.07 25.65 3.13
CA VAL A 262 -18.86 24.70 3.90
C VAL A 262 -17.90 23.86 4.74
N PRO A 263 -17.95 23.96 6.07
CA PRO A 263 -16.99 23.21 6.90
C PRO A 263 -17.20 21.71 6.76
N VAL A 264 -16.13 20.97 7.04
CA VAL A 264 -16.19 19.51 6.95
C VAL A 264 -17.12 18.93 7.99
N GLU A 265 -17.36 19.65 9.10
CA GLU A 265 -18.31 19.19 10.09
C GLU A 265 -19.74 19.22 9.55
N ARG A 266 -20.02 20.14 8.62
CA ARG A 266 -21.33 20.16 7.97
C ARG A 266 -21.56 18.93 7.11
N ILE A 267 -20.49 18.45 6.46
CA ILE A 267 -20.63 17.28 5.58
C ILE A 267 -20.78 16.01 6.40
N LEU A 268 -19.99 15.87 7.47
CA LEU A 268 -20.09 14.68 8.33
C LEU A 268 -21.47 14.60 8.97
N ASN A 269 -21.96 15.72 9.50
CA ASN A 269 -23.31 15.73 10.07
C ASN A 269 -24.35 15.41 9.01
N THR A 270 -24.14 15.89 7.78
CA THR A 270 -25.04 15.54 6.68
C THR A 270 -24.97 14.05 6.38
N ILE A 271 -23.75 13.50 6.32
CA ILE A 271 -23.58 12.06 6.08
C ILE A 271 -24.35 11.27 7.12
N ILE A 272 -24.32 11.71 8.38
CA ILE A 272 -25.08 11.01 9.42
C ILE A 272 -26.58 11.14 9.15
N GLN A 273 -27.03 12.32 8.75
CA GLN A 273 -28.46 12.52 8.48
C GLN A 273 -28.86 11.93 7.13
N LEU A 274 -28.01 12.07 6.11
CA LEU A 274 -28.33 11.57 4.78
C LEU A 274 -28.28 10.06 4.67
N THR A 275 -27.94 9.36 5.76
CA THR A 275 -28.03 7.90 5.74
C THR A 275 -29.46 7.43 5.50
N THR A 276 -30.44 8.23 5.95
CA THR A 276 -31.84 7.84 5.84
C THR A 276 -32.37 7.98 4.42
N ASN A 277 -31.77 8.86 3.62
CA ASN A 277 -32.36 9.22 2.34
CA ASN A 277 -32.36 9.22 2.34
C ASN A 277 -31.49 8.88 1.14
N ARG A 278 -30.92 9.91 0.51
CA ARG A 278 -30.40 9.77 -0.85
C ARG A 278 -29.07 9.02 -0.92
N ASP A 279 -28.85 8.40 -2.07
CA ASP A 279 -27.56 7.90 -2.50
C ASP A 279 -27.28 8.41 -3.90
N GLY A 280 -27.97 7.87 -4.89
CA GLY A 280 -27.91 8.43 -6.23
C GLY A 280 -28.68 9.74 -6.30
N ALA A 281 -28.15 10.67 -7.10
CA ALA A 281 -28.72 12.00 -7.25
C ALA A 281 -29.78 12.07 -8.36
N CYS A 282 -30.56 11.00 -8.53
CA CYS A 282 -31.55 10.95 -9.61
C CYS A 282 -32.79 11.74 -9.21
N ILE A 283 -32.99 12.88 -9.89
CA ILE A 283 -34.20 13.70 -9.77
C ILE A 283 -34.47 14.06 -8.32
N MET A 284 -35.68 13.77 -7.85
CA MET A 284 -36.08 14.12 -6.49
C MET A 284 -35.86 12.95 -5.54
N ASP A 288 -25.48 11.75 -3.09
CA ASP A 288 -24.46 11.60 -2.06
C ASP A 288 -23.97 10.16 -1.96
N PHE A 289 -23.27 9.86 -0.88
CA PHE A 289 -22.95 8.49 -0.46
C PHE A 289 -22.42 7.64 -1.61
N GLU A 290 -21.21 7.98 -2.07
CA GLU A 290 -20.56 7.19 -3.09
C GLU A 290 -19.06 7.43 -2.99
N CYS A 291 -18.29 6.46 -3.52
CA CYS A 291 -16.84 6.49 -3.43
C CYS A 291 -16.18 6.70 -4.79
N ASP A 292 -16.94 7.13 -5.81
CA ASP A 292 -16.35 7.33 -7.13
C ASP A 292 -15.56 8.63 -7.21
N TRP A 293 -16.01 9.68 -6.51
CA TRP A 293 -15.26 10.92 -6.44
C TRP A 293 -14.19 10.82 -5.36
N THR A 294 -12.94 11.15 -5.71
CA THR A 294 -11.89 11.21 -4.72
C THR A 294 -11.57 12.65 -4.36
N PRO A 295 -11.11 12.92 -3.13
CA PRO A 295 -10.84 14.31 -2.74
C PRO A 295 -9.81 15.00 -3.62
N GLU A 296 -8.82 14.26 -4.12
CA GLU A 296 -7.82 14.87 -5.00
C GLU A 296 -8.44 15.24 -6.35
N MET A 297 -9.27 14.36 -6.91
CA MET A 297 -9.85 14.62 -8.22
C MET A 297 -10.82 15.80 -8.18
N VAL A 298 -11.54 15.98 -7.08
CA VAL A 298 -12.46 17.10 -6.96
C VAL A 298 -11.69 18.41 -6.78
N TYR A 299 -10.68 18.40 -5.91
CA TYR A 299 -9.93 19.62 -5.62
C TYR A 299 -9.09 20.05 -6.80
N ASN A 300 -8.51 19.09 -7.53
CA ASN A 300 -7.68 19.43 -8.69
C ASN A 300 -8.49 20.00 -9.84
N GLN A 301 -9.82 19.90 -9.79
CA GLN A 301 -10.70 20.48 -10.80
C GLN A 301 -11.51 21.66 -10.28
N ALA A 302 -11.32 22.04 -9.01
CA ALA A 302 -12.14 23.10 -8.44
C ALA A 302 -11.43 24.44 -8.53
N PRO A 303 -12.17 25.52 -8.81
CA PRO A 303 -11.57 26.86 -8.83
C PRO A 303 -11.28 27.33 -7.41
N ILE A 304 -10.03 27.71 -7.17
CA ILE A 304 -9.61 28.16 -5.84
C ILE A 304 -9.37 29.66 -5.84
N ALA B 1 26.93 -18.30 4.62
CA ALA B 1 27.29 -18.78 5.95
C ALA B 1 26.04 -19.04 6.79
N GLY B 2 25.87 -18.23 7.83
CA GLY B 2 24.74 -18.37 8.73
C GLY B 2 23.56 -17.51 8.31
N ILE B 3 22.48 -17.64 9.09
CA ILE B 3 21.25 -16.88 8.87
C ILE B 3 21.13 -15.86 9.99
N LYS B 4 21.12 -14.58 9.62
CA LYS B 4 21.06 -13.49 10.57
C LYS B 4 20.00 -12.49 10.15
N ILE B 5 19.66 -11.59 11.07
CA ILE B 5 18.76 -10.48 10.77
C ILE B 5 19.58 -9.41 10.05
N LEU B 6 19.36 -9.29 8.74
CA LEU B 6 20.13 -8.36 7.92
C LEU B 6 19.46 -7.00 7.89
N LEU B 7 20.24 -5.96 8.17
CA LEU B 7 19.75 -4.59 8.20
C LEU B 7 20.43 -3.79 7.10
N HIS B 8 19.82 -2.66 6.76
CA HIS B 8 20.45 -1.92 5.66
C HIS B 8 21.40 -0.86 6.22
N PRO B 9 22.54 -0.65 5.56
CA PRO B 9 23.46 0.40 6.00
C PRO B 9 22.81 1.77 5.94
N SER B 10 22.99 2.54 7.02
CA SER B 10 22.33 3.82 7.20
C SER B 10 23.17 5.00 6.72
N GLY B 11 24.20 4.75 5.93
CA GLY B 11 25.09 5.83 5.51
C GLY B 11 24.36 6.91 4.72
N VAL B 12 23.54 6.49 3.75
CA VAL B 12 22.79 7.45 2.94
C VAL B 12 21.77 8.19 3.80
N VAL B 13 21.14 7.48 4.73
CA VAL B 13 20.13 8.10 5.59
C VAL B 13 20.78 9.11 6.52
N GLU B 14 21.95 8.76 7.07
CA GLU B 14 22.62 9.65 8.02
C GLU B 14 22.92 11.01 7.40
N ARG B 15 23.54 11.02 6.21
CA ARG B 15 23.96 12.26 5.59
C ARG B 15 22.80 13.20 5.25
N CYS B 16 21.56 12.72 5.31
CA CYS B 16 20.40 13.54 5.03
C CYS B 16 19.60 13.94 6.27
N MET B 17 19.92 13.38 7.43
CA MET B 17 19.18 13.72 8.64
C MET B 17 19.50 15.14 9.09
N VAL B 18 18.47 15.86 9.53
CA VAL B 18 18.61 17.20 10.07
C VAL B 18 17.81 17.29 11.36
N SER B 19 18.05 18.36 12.11
CA SER B 19 17.35 18.63 13.36
C SER B 19 16.38 19.78 13.15
N VAL B 20 15.13 19.58 13.57
CA VAL B 20 14.08 20.58 13.42
C VAL B 20 13.58 20.98 14.79
N VAL B 21 13.60 22.28 15.08
CA VAL B 21 13.18 22.81 16.36
C VAL B 21 12.18 23.94 16.11
N TYR B 22 11.07 23.92 16.85
CA TYR B 22 10.05 24.96 16.74
C TYR B 22 9.45 25.14 18.12
N ASN B 23 9.67 26.30 18.73
CA ASN B 23 9.22 26.61 20.09
C ASN B 23 9.90 25.62 21.03
N GLY B 24 9.19 25.07 22.01
CA GLY B 24 9.77 24.08 22.90
C GLY B 24 9.59 22.67 22.39
N SER B 25 9.62 22.51 21.08
CA SER B 25 9.46 21.20 20.44
C SER B 25 10.65 20.96 19.51
N ALA B 26 11.44 19.94 19.82
CA ALA B 26 12.61 19.58 19.02
C ALA B 26 12.44 18.15 18.55
N LEU B 27 12.65 17.92 17.24
CA LEU B 27 12.59 16.59 16.68
C LEU B 27 13.56 16.53 15.50
N ASN B 28 13.52 15.42 14.77
CA ASN B 28 14.43 15.21 13.64
C ASN B 28 13.69 15.43 12.33
N GLY B 29 14.43 15.29 11.23
CA GLY B 29 13.86 15.41 9.91
C GLY B 29 14.87 14.97 8.87
N ILE B 30 14.35 14.55 7.72
CA ILE B 30 15.18 14.11 6.61
C ILE B 30 15.17 15.18 5.53
N TRP B 31 16.30 15.35 4.86
CA TRP B 31 16.53 16.45 3.93
C TRP B 31 16.84 15.86 2.55
N LEU B 32 15.90 16.02 1.62
CA LEU B 32 16.03 15.50 0.27
C LEU B 32 15.84 16.63 -0.72
N LYS B 33 16.80 16.77 -1.64
CA LYS B 33 16.83 17.86 -2.63
C LYS B 33 16.83 19.18 -1.85
N ASN B 34 15.83 20.05 -2.03
CA ASN B 34 15.74 21.30 -1.28
C ASN B 34 14.52 21.32 -0.36
N VAL B 35 14.03 20.15 0.04
CA VAL B 35 12.85 20.02 0.88
C VAL B 35 13.21 19.21 2.12
N VAL B 36 12.68 19.63 3.26
CA VAL B 36 12.89 18.93 4.54
C VAL B 36 11.54 18.39 5.00
N TYR B 37 11.53 17.11 5.40
CA TYR B 37 10.34 16.45 5.87
C TYR B 37 10.44 16.20 7.38
N CYS B 38 9.37 16.49 8.10
CA CYS B 38 9.37 16.37 9.55
C CYS B 38 7.92 16.30 10.03
N PRO B 39 7.68 15.71 11.20
CA PRO B 39 6.31 15.66 11.73
C PRO B 39 5.78 17.06 12.01
N ARG B 40 4.48 17.24 11.77
CA ARG B 40 3.86 18.56 11.90
C ARG B 40 3.65 18.98 13.35
N HIS B 41 3.64 18.04 14.29
CA HIS B 41 3.45 18.44 15.68
C HIS B 41 4.65 19.16 16.28
N VAL B 42 5.66 19.51 15.48
CA VAL B 42 6.76 20.32 15.98
C VAL B 42 6.29 21.75 16.25
N ILE B 43 5.22 22.18 15.57
CA ILE B 43 4.68 23.53 15.79
C ILE B 43 3.64 23.55 16.90
N GLY B 44 3.34 22.42 17.51
CA GLY B 44 2.39 22.35 18.60
C GLY B 44 1.63 21.04 18.58
N LYS B 45 0.98 20.75 19.71
CA LYS B 45 0.19 19.53 19.87
C LYS B 45 -1.26 19.89 19.57
N PHE B 46 -1.65 19.72 18.31
CA PHE B 46 -3.00 20.03 17.85
C PHE B 46 -3.74 18.74 17.52
N ARG B 47 -4.97 18.89 17.04
N ARG B 47 -4.97 18.88 17.04
CA ARG B 47 -5.85 17.74 16.82
CA ARG B 47 -5.82 17.72 16.80
C ARG B 47 -6.80 18.03 15.67
C ARG B 47 -6.82 18.02 15.70
N GLY B 48 -7.32 16.95 15.08
CA GLY B 48 -8.35 17.08 14.06
C GLY B 48 -7.96 17.82 12.81
N ASP B 49 -8.59 18.97 12.57
CA ASP B 49 -8.45 19.69 11.32
C ASP B 49 -7.95 21.13 11.47
N GLN B 50 -7.54 21.54 12.67
CA GLN B 50 -6.96 22.87 12.81
C GLN B 50 -5.53 22.94 12.30
N TRP B 51 -4.98 21.82 11.84
CA TRP B 51 -3.61 21.82 11.31
C TRP B 51 -3.47 22.79 10.14
N THR B 52 -4.49 22.86 9.28
CA THR B 52 -4.42 23.71 8.10
C THR B 52 -4.28 25.17 8.48
N HIS B 53 -4.98 25.61 9.53
CA HIS B 53 -4.84 26.99 9.97
C HIS B 53 -3.52 27.21 10.70
N MET B 54 -3.14 26.28 11.58
CA MET B 54 -1.92 26.45 12.36
C MET B 54 -0.68 26.44 11.47
N VAL B 55 -0.70 25.68 10.39
CA VAL B 55 0.45 25.67 9.47
C VAL B 55 0.46 26.92 8.61
N SER B 56 -0.72 27.41 8.20
CA SER B 56 -0.80 28.63 7.42
C SER B 56 -0.32 29.85 8.18
N ILE B 57 -0.32 29.79 9.51
CA ILE B 57 0.13 30.90 10.35
C ILE B 57 1.46 30.61 11.04
N ALA B 58 2.06 29.45 10.78
CA ALA B 58 3.37 29.14 11.31
C ALA B 58 4.43 29.77 10.41
N ASP B 59 5.26 30.63 10.98
CA ASP B 59 6.27 31.34 10.20
C ASP B 59 7.35 30.37 9.73
N CYS B 60 7.76 30.52 8.46
CA CYS B 60 8.89 29.80 7.88
C CYS B 60 10.22 30.24 8.46
N ARG B 61 10.20 30.90 9.60
CA ARG B 61 11.39 31.54 10.15
C ARG B 61 11.61 31.27 11.64
N ASP B 62 10.59 30.85 12.38
CA ASP B 62 10.80 30.25 13.70
C ASP B 62 11.37 28.84 13.62
N PHE B 63 11.57 28.31 12.42
CA PHE B 63 12.10 26.96 12.24
C PHE B 63 13.63 27.02 12.29
N ILE B 64 14.22 26.31 13.25
CA ILE B 64 15.66 26.14 13.34
C ILE B 64 16.00 24.76 12.80
N VAL B 65 16.74 24.72 11.69
CA VAL B 65 17.04 23.47 11.00
C VAL B 65 18.54 23.42 10.74
N LYS B 66 19.18 22.34 11.19
CA LYS B 66 20.61 22.14 11.00
C LYS B 66 20.89 20.70 10.60
N CYS B 67 21.86 20.51 9.71
CA CYS B 67 22.36 19.19 9.37
C CYS B 67 23.67 18.96 10.10
N PRO B 68 23.67 18.23 11.23
CA PRO B 68 24.92 18.10 12.00
C PRO B 68 26.02 17.35 11.28
N ILE B 69 25.66 16.34 10.48
CA ILE B 69 26.66 15.55 9.76
C ILE B 69 27.37 16.41 8.72
N GLN B 70 26.70 17.44 8.20
CA GLN B 70 27.31 18.39 7.28
C GLN B 70 27.62 19.73 7.93
N GLY B 71 27.19 19.95 9.18
CA GLY B 71 27.49 21.20 9.87
C GLY B 71 26.87 22.41 9.24
N ILE B 72 25.78 22.26 8.50
CA ILE B 72 25.16 23.35 7.75
C ILE B 72 23.82 23.70 8.41
N GLN B 73 23.62 24.98 8.70
CA GLN B 73 22.33 25.48 9.13
C GLN B 73 21.52 25.88 7.91
N LEU B 74 20.24 25.57 7.91
CA LEU B 74 19.37 25.79 6.76
C LEU B 74 18.21 26.70 7.12
N ASN B 75 17.81 27.52 6.14
CA ASN B 75 16.73 28.47 6.30
C ASN B 75 15.55 28.05 5.43
N VAL B 76 14.35 28.18 5.96
CA VAL B 76 13.13 27.72 5.29
C VAL B 76 12.49 28.89 4.56
N GLN B 77 12.31 28.76 3.26
CA GLN B 77 11.66 29.79 2.47
C GLN B 77 10.15 29.60 2.39
N SER B 78 9.69 28.35 2.32
CA SER B 78 8.27 28.06 2.22
C SER B 78 7.95 26.81 3.03
N VAL B 79 6.74 26.77 3.58
CA VAL B 79 6.27 25.67 4.41
C VAL B 79 4.96 25.16 3.83
N LYS B 80 4.83 23.84 3.72
CA LYS B 80 3.63 23.22 3.16
C LYS B 80 3.34 21.94 3.93
N MET B 81 2.07 21.74 4.30
CA MET B 81 1.64 20.52 4.94
C MET B 81 1.23 19.51 3.89
N VAL B 82 1.77 18.29 4.00
CA VAL B 82 1.40 17.17 3.15
C VAL B 82 1.06 16.01 4.08
N GLY B 83 -0.23 15.85 4.36
CA GLY B 83 -0.62 14.82 5.31
C GLY B 83 -0.22 15.20 6.72
N ALA B 84 0.31 14.22 7.45
CA ALA B 84 0.81 14.44 8.80
C ALA B 84 2.25 14.93 8.81
N LEU B 85 2.83 15.19 7.64
CA LEU B 85 4.21 15.65 7.52
C LEU B 85 4.25 17.11 7.08
N LEU B 86 5.36 17.76 7.39
CA LEU B 86 5.63 19.11 6.94
C LEU B 86 6.68 19.09 5.83
N GLN B 87 6.49 19.93 4.83
CA GLN B 87 7.43 20.06 3.72
C GLN B 87 8.05 21.45 3.78
N LEU B 88 9.26 21.53 4.34
CA LEU B 88 9.98 22.79 4.50
C LEU B 88 10.93 22.94 3.32
N THR B 89 10.58 23.82 2.38
CA THR B 89 11.43 24.11 1.25
C THR B 89 12.55 25.05 1.70
N VAL B 90 13.78 24.53 1.71
CA VAL B 90 14.92 25.30 2.14
C VAL B 90 15.62 25.90 0.92
N HIS B 91 16.62 26.76 1.17
CA HIS B 91 17.33 27.40 0.07
C HIS B 91 18.44 26.52 -0.48
N THR B 92 19.15 25.81 0.40
CA THR B 92 20.26 24.97 -0.03
C THR B 92 19.74 23.59 -0.46
N ASN B 93 20.30 23.09 -1.55
CA ASN B 93 19.99 21.75 -2.03
C ASN B 93 20.98 20.76 -1.45
N ASN B 94 20.48 19.64 -0.96
CA ASN B 94 21.32 18.64 -0.30
C ASN B 94 22.18 17.92 -1.35
N THR B 95 23.48 18.18 -1.32
CA THR B 95 24.40 17.50 -2.24
C THR B 95 24.51 16.01 -1.93
N ALA B 96 24.16 15.59 -0.72
CA ALA B 96 24.25 14.19 -0.32
C ALA B 96 22.93 13.44 -0.52
N THR B 97 22.09 13.90 -1.43
CA THR B 97 20.82 13.23 -1.71
C THR B 97 21.03 12.11 -2.70
N PRO B 98 20.76 10.86 -2.34
CA PRO B 98 20.83 9.76 -3.30
C PRO B 98 19.52 9.66 -4.08
N ASP B 99 19.47 8.69 -5.00
CA ASP B 99 18.24 8.38 -5.70
C ASP B 99 17.26 7.76 -4.72
N TYR B 100 16.23 8.51 -4.34
CA TYR B 100 15.30 8.07 -3.32
C TYR B 100 13.90 7.89 -3.91
N LYS B 101 13.06 7.18 -3.15
CA LYS B 101 11.69 6.91 -3.55
C LYS B 101 10.84 6.79 -2.29
N PHE B 102 9.60 7.27 -2.37
CA PHE B 102 8.66 7.22 -1.25
C PHE B 102 7.75 6.02 -1.46
N GLU B 103 8.19 4.86 -0.98
CA GLU B 103 7.48 3.61 -1.16
C GLU B 103 6.80 3.21 0.13
N ARG B 104 5.50 2.91 0.05
CA ARG B 104 4.72 2.50 1.21
C ARG B 104 5.04 1.05 1.56
N LEU B 105 5.12 0.79 2.87
CA LEU B 105 5.36 -0.55 3.38
C LEU B 105 4.04 -1.27 3.58
N GLN B 106 4.02 -2.56 3.28
CA GLN B 106 2.86 -3.39 3.48
C GLN B 106 2.99 -4.18 4.78
N PRO B 107 1.88 -4.59 5.38
CA PRO B 107 1.96 -5.43 6.59
C PRO B 107 2.78 -6.68 6.35
N GLY B 108 3.62 -7.01 7.33
CA GLY B 108 4.53 -8.13 7.21
C GLY B 108 5.88 -7.80 6.60
N SER B 109 6.00 -6.66 5.93
CA SER B 109 7.26 -6.27 5.31
C SER B 109 8.21 -5.70 6.36
N SER B 110 9.47 -6.09 6.27
CA SER B 110 10.49 -5.64 7.21
C SER B 110 11.14 -4.36 6.72
N MET B 111 11.66 -3.58 7.66
CA MET B 111 12.34 -2.34 7.33
C MET B 111 13.36 -2.04 8.41
N THR B 112 14.40 -1.28 8.02
CA THR B 112 15.44 -0.87 8.94
C THR B 112 15.11 0.50 9.51
N ILE B 113 15.23 0.63 10.83
CA ILE B 113 14.91 1.88 11.53
C ILE B 113 16.21 2.59 11.87
N ALA B 114 16.25 3.89 11.61
CA ALA B 114 17.38 4.75 11.97
C ALA B 114 16.93 5.67 13.10
N CYS B 115 17.17 5.25 14.33
CA CYS B 115 16.79 6.01 15.51
C CYS B 115 17.72 7.22 15.65
N ALA B 116 17.22 8.41 15.33
CA ALA B 116 18.00 9.63 15.34
C ALA B 116 17.61 10.51 16.52
N TYR B 117 18.52 11.42 16.87
CA TYR B 117 18.28 12.39 17.92
C TYR B 117 19.04 13.66 17.58
N ASP B 118 18.31 14.78 17.49
CA ASP B 118 18.90 16.08 17.14
C ASP B 118 19.63 16.01 15.80
N GLY B 119 19.03 15.30 14.84
CA GLY B 119 19.58 15.18 13.51
C GLY B 119 20.69 14.17 13.35
N ILE B 120 21.05 13.44 14.41
CA ILE B 120 22.13 12.46 14.36
C ILE B 120 21.54 11.08 14.63
N VAL B 121 21.73 10.17 13.68
CA VAL B 121 21.29 8.80 13.88
C VAL B 121 22.15 8.15 14.97
N ARG B 122 21.50 7.67 16.02
CA ARG B 122 22.20 7.09 17.17
C ARG B 122 22.20 5.57 17.16
N HIS B 123 21.07 4.95 16.84
CA HIS B 123 20.96 3.50 16.85
C HIS B 123 20.19 3.03 15.62
N VAL B 124 20.48 1.80 15.21
CA VAL B 124 19.85 1.19 14.05
C VAL B 124 19.33 -0.18 14.45
N TYR B 125 18.05 -0.43 14.20
CA TYR B 125 17.45 -1.73 14.50
C TYR B 125 16.45 -2.07 13.41
N HIS B 126 15.89 -3.28 13.50
CA HIS B 126 15.05 -3.84 12.46
C HIS B 126 13.66 -4.12 13.00
N VAL B 127 12.64 -3.77 12.21
CA VAL B 127 11.24 -3.98 12.59
C VAL B 127 10.48 -4.55 11.41
N VAL B 128 9.29 -5.07 11.70
CA VAL B 128 8.37 -5.57 10.69
C VAL B 128 7.02 -4.90 10.94
N LEU B 129 6.43 -4.34 9.88
CA LEU B 129 5.13 -3.70 10.00
C LEU B 129 4.08 -4.75 10.30
N GLN B 130 3.46 -4.66 11.48
CA GLN B 130 2.50 -5.66 11.91
C GLN B 130 1.16 -5.45 11.21
N LEU B 131 0.28 -6.45 11.33
CA LEU B 131 -1.00 -6.40 10.64
C LEU B 131 -1.91 -5.33 11.19
N ASN B 132 -1.78 -5.00 12.48
CA ASN B 132 -2.49 -3.87 13.05
C ASN B 132 -1.82 -2.53 12.74
N ASN B 133 -0.93 -2.52 11.75
CA ASN B 133 -0.21 -1.32 11.33
C ASN B 133 0.58 -0.72 12.50
N LEU B 134 1.40 -1.56 13.12
CA LEU B 134 2.20 -1.16 14.26
C LEU B 134 3.60 -1.74 14.14
N ILE B 135 4.56 -1.09 14.80
CA ILE B 135 5.93 -1.57 14.85
C ILE B 135 6.38 -1.60 16.31
N TYR B 136 6.92 -2.75 16.73
CA TYR B 136 7.56 -2.88 18.03
C TYR B 136 8.97 -2.33 17.90
N ALA B 137 9.13 -1.05 18.24
CA ALA B 137 10.38 -0.33 18.02
C ALA B 137 10.99 0.08 19.36
N SER B 138 11.98 0.97 19.29
CA SER B 138 12.66 1.51 20.47
C SER B 138 12.94 2.98 20.21
N PHE B 139 12.10 3.85 20.77
CA PHE B 139 12.22 5.29 20.61
C PHE B 139 12.08 5.97 21.96
N LEU B 140 12.95 6.95 22.21
CA LEU B 140 12.83 7.83 23.36
C LEU B 140 12.34 9.20 22.89
N ASN B 141 12.23 10.13 23.84
CA ASN B 141 11.82 11.48 23.50
C ASN B 141 12.85 12.15 22.60
N GLY B 142 12.37 12.88 21.59
CA GLY B 142 13.22 13.49 20.61
C GLY B 142 13.49 12.65 19.39
N ALA B 143 13.07 11.38 19.39
CA ALA B 143 13.29 10.50 18.25
C ALA B 143 12.34 10.80 17.09
N CYS B 144 11.38 11.69 17.27
CA CYS B 144 10.50 12.07 16.18
C CYS B 144 11.31 12.66 15.04
N GLY B 145 10.97 12.27 13.81
CA GLY B 145 11.79 12.55 12.66
C GLY B 145 12.62 11.38 12.18
N SER B 146 12.66 10.30 12.96
CA SER B 146 13.38 9.10 12.55
C SER B 146 12.65 8.41 11.41
N VAL B 147 13.41 7.70 10.57
CA VAL B 147 12.88 7.11 9.35
C VAL B 147 13.10 5.61 9.35
N GLY B 148 12.22 4.91 8.64
CA GLY B 148 12.40 3.50 8.34
C GLY B 148 12.53 3.32 6.84
N TYR B 149 13.51 2.51 6.43
CA TYR B 149 13.94 2.53 5.05
C TYR B 149 14.40 1.15 4.60
N THR B 150 14.51 0.98 3.29
CA THR B 150 15.14 -0.17 2.67
C THR B 150 15.97 0.31 1.47
N LEU B 151 16.85 -0.56 0.99
CA LEU B 151 17.73 -0.25 -0.12
C LEU B 151 17.61 -1.31 -1.21
N LYS B 152 17.49 -0.87 -2.46
CA LYS B 152 17.51 -1.76 -3.61
C LYS B 152 18.34 -1.10 -4.71
N GLY B 153 19.55 -1.60 -4.93
CA GLY B 153 20.38 -1.15 -6.04
C GLY B 153 20.60 0.34 -6.14
N LYS B 154 21.38 0.90 -5.21
CA LYS B 154 21.75 2.32 -5.21
C LYS B 154 20.54 3.25 -5.13
N THR B 155 19.40 2.73 -4.68
CA THR B 155 18.19 3.54 -4.54
C THR B 155 17.66 3.36 -3.12
N LEU B 156 17.32 4.48 -2.48
CA LEU B 156 16.81 4.48 -1.11
C LEU B 156 15.28 4.53 -1.13
N TYR B 157 14.65 3.63 -0.38
CA TYR B 157 13.20 3.57 -0.28
C TYR B 157 12.81 3.92 1.15
N LEU B 158 12.12 5.06 1.29
CA LEU B 158 11.71 5.56 2.60
C LEU B 158 10.25 5.17 2.84
N HIS B 159 10.01 4.45 3.95
CA HIS B 159 8.69 3.89 4.22
C HIS B 159 8.01 4.46 5.45
N TYR B 160 8.74 5.12 6.34
CA TYR B 160 8.18 5.39 7.67
C TYR B 160 8.82 6.63 8.27
N MET B 161 8.03 7.34 9.08
CA MET B 161 8.53 8.42 9.93
C MET B 161 7.79 8.34 11.26
N HIS B 162 8.55 8.19 12.35
CA HIS B 162 7.97 7.93 13.66
C HIS B 162 7.22 9.15 14.17
N HIS B 163 6.07 8.89 14.82
CA HIS B 163 5.23 9.94 15.35
C HIS B 163 4.81 9.66 16.79
N ILE B 164 4.33 8.44 17.04
CA ILE B 164 3.57 8.13 18.24
C ILE B 164 4.14 6.87 18.90
N GLU B 165 4.30 6.92 20.22
CA GLU B 165 4.58 5.74 21.04
C GLU B 165 3.32 5.42 21.82
N PHE B 166 2.79 4.22 21.64
CA PHE B 166 1.55 3.85 22.31
C PHE B 166 1.80 3.39 23.74
N ASN B 167 0.69 3.11 24.43
CA ASN B 167 0.70 2.46 25.74
C ASN B 167 1.55 1.20 25.67
N ASN B 168 1.00 0.14 25.07
CA ASN B 168 1.77 -1.04 24.75
C ASN B 168 3.03 -0.63 23.98
N LYS B 169 4.13 -1.34 24.23
CA LYS B 169 5.41 -0.97 23.63
CA LYS B 169 5.41 -0.96 23.63
C LYS B 169 5.39 -1.15 22.12
N THR B 170 4.50 -0.41 21.46
CA THR B 170 4.37 -0.37 20.01
C THR B 170 4.45 1.09 19.58
N HIS B 171 4.93 1.31 18.36
CA HIS B 171 5.10 2.65 17.84
C HIS B 171 4.38 2.78 16.51
N SER B 172 4.03 4.01 16.17
CA SER B 172 3.31 4.28 14.93
C SER B 172 3.76 5.62 14.36
N GLY B 173 3.46 5.80 13.08
CA GLY B 173 3.78 7.03 12.38
C GLY B 173 3.19 7.02 10.98
N THR B 174 3.81 7.76 10.07
CA THR B 174 3.35 7.84 8.69
C THR B 174 4.43 7.34 7.76
N ASP B 175 4.08 7.23 6.49
CA ASP B 175 5.08 7.05 5.44
C ASP B 175 5.72 8.41 5.15
N LEU B 176 6.47 8.50 4.06
CA LEU B 176 7.02 9.80 3.67
C LEU B 176 6.01 10.64 2.90
N GLU B 177 4.84 10.09 2.59
CA GLU B 177 3.78 10.87 1.96
C GLU B 177 2.95 11.65 2.98
N GLY B 178 3.01 11.27 4.26
CA GLY B 178 2.23 11.92 5.29
C GLY B 178 0.98 11.19 5.72
N ASN B 179 0.82 9.93 5.31
CA ASN B 179 -0.36 9.14 5.64
C ASN B 179 0.00 8.12 6.71
N PHE B 180 -0.78 8.09 7.78
CA PHE B 180 -0.52 7.18 8.89
C PHE B 180 -0.72 5.73 8.47
N TYR B 181 0.04 4.84 9.11
CA TYR B 181 -0.19 3.41 8.99
C TYR B 181 -1.30 3.01 9.97
N GLY B 182 -2.45 2.64 9.45
CA GLY B 182 -3.57 2.29 10.29
C GLY B 182 -4.43 3.49 10.64
N PRO B 183 -5.44 3.28 11.50
CA PRO B 183 -6.37 4.36 11.87
C PRO B 183 -5.89 5.19 13.05
N TYR B 184 -4.64 5.65 12.99
CA TYR B 184 -4.02 6.40 14.06
C TYR B 184 -3.71 7.82 13.61
N VAL B 185 -3.61 8.73 14.59
CA VAL B 185 -3.37 10.14 14.32
C VAL B 185 -2.31 10.64 15.30
N ASP B 186 -1.75 11.80 14.98
CA ASP B 186 -0.69 12.41 15.79
C ASP B 186 -1.32 13.28 16.88
N GLU B 187 -1.86 12.60 17.90
CA GLU B 187 -2.54 13.28 18.99
C GLU B 187 -2.29 12.54 20.28
N GLU B 188 -2.08 13.29 21.36
CA GLU B 188 -1.80 12.73 22.67
C GLU B 188 -3.12 12.35 23.33
N VAL B 189 -3.58 11.14 23.03
CA VAL B 189 -4.86 10.65 23.53
C VAL B 189 -4.88 9.14 23.34
N ILE B 190 -5.70 8.45 24.13
CA ILE B 190 -5.83 7.00 24.01
C ILE B 190 -6.47 6.65 22.67
N GLN B 191 -5.79 5.80 21.90
CA GLN B 191 -6.24 5.39 20.58
C GLN B 191 -6.51 3.89 20.57
N GLN B 192 -7.53 3.49 19.83
CA GLN B 192 -7.90 2.08 19.71
C GLN B 192 -6.93 1.39 18.77
N GLN B 193 -6.18 0.42 19.29
CA GLN B 193 -5.27 -0.38 18.48
C GLN B 193 -6.03 -1.57 17.91
N THR B 194 -5.90 -1.77 16.59
CA THR B 194 -6.59 -2.88 15.95
C THR B 194 -6.17 -4.20 16.58
N ALA B 195 -7.11 -5.14 16.61
CA ALA B 195 -6.86 -6.45 17.21
C ALA B 195 -5.66 -7.11 16.53
N PHE B 196 -4.81 -7.72 17.34
CA PHE B 196 -3.57 -8.29 16.82
C PHE B 196 -3.86 -9.55 16.01
N GLN B 197 -3.00 -9.79 15.01
CA GLN B 197 -3.13 -10.96 14.15
C GLN B 197 -1.74 -11.36 13.67
N TYR B 198 -1.42 -12.64 13.82
CA TYR B 198 -0.10 -13.12 13.45
C TYR B 198 0.05 -13.15 11.93
N TYR B 199 1.12 -12.54 11.43
CA TYR B 199 1.46 -12.66 10.02
C TYR B 199 1.98 -14.07 9.76
N THR B 200 1.11 -14.92 9.22
CA THR B 200 1.42 -16.34 9.10
C THR B 200 2.67 -16.57 8.24
N ASP B 201 2.87 -15.73 7.22
CA ASP B 201 4.04 -15.87 6.37
C ASP B 201 5.32 -15.71 7.17
N ASN B 202 5.40 -14.67 7.99
CA ASN B 202 6.60 -14.46 8.80
C ASN B 202 6.71 -15.45 9.94
N VAL B 203 5.58 -15.99 10.41
CA VAL B 203 5.64 -17.06 11.40
C VAL B 203 6.13 -18.34 10.75
N VAL B 204 5.69 -18.62 9.52
CA VAL B 204 6.17 -19.80 8.80
C VAL B 204 7.66 -19.68 8.52
N ALA B 205 8.11 -18.49 8.13
CA ALA B 205 9.54 -18.27 7.89
C ALA B 205 10.34 -18.36 9.18
N GLN B 206 9.73 -18.00 10.31
CA GLN B 206 10.40 -18.16 11.61
C GLN B 206 10.76 -19.62 11.85
N LEU B 207 9.80 -20.52 11.64
CA LEU B 207 10.05 -21.94 11.86
C LEU B 207 11.05 -22.48 10.84
N TYR B 208 10.99 -21.99 9.60
CA TYR B 208 11.94 -22.44 8.59
C TYR B 208 13.36 -21.98 8.90
N ALA B 209 13.51 -20.88 9.63
CA ALA B 209 14.85 -20.41 9.99
C ALA B 209 15.53 -21.38 10.94
N HIS B 210 14.77 -22.02 11.83
CA HIS B 210 15.36 -22.96 12.78
C HIS B 210 15.77 -24.26 12.10
N LEU B 211 15.04 -24.68 11.08
CA LEU B 211 15.40 -25.92 10.38
C LEU B 211 16.71 -25.77 9.60
N LEU B 212 16.99 -24.57 9.09
CA LEU B 212 18.26 -24.33 8.41
C LEU B 212 19.37 -24.03 9.40
N THR B 213 19.05 -23.37 10.52
CA THR B 213 20.06 -23.05 11.52
C THR B 213 20.43 -24.26 12.36
N VAL B 214 19.44 -24.92 12.95
CA VAL B 214 19.69 -26.05 13.84
C VAL B 214 19.60 -27.37 13.07
N ASP B 215 19.04 -28.39 13.70
CA ASP B 215 18.96 -29.71 13.10
C ASP B 215 17.78 -29.82 12.14
N ALA B 216 17.75 -30.91 11.38
CA ALA B 216 16.67 -31.17 10.45
C ALA B 216 15.42 -31.73 11.12
N ARG B 217 15.51 -32.11 12.38
CA ARG B 217 14.37 -32.70 13.10
C ARG B 217 14.38 -32.23 14.55
N PRO B 218 13.84 -31.04 14.82
CA PRO B 218 13.67 -30.61 16.21
C PRO B 218 12.52 -31.37 16.86
N LYS B 219 12.35 -31.13 18.17
CA LYS B 219 11.32 -31.83 18.92
C LYS B 219 9.92 -31.27 18.62
N TRP B 220 9.79 -29.94 18.59
CA TRP B 220 8.49 -29.32 18.41
C TRP B 220 7.87 -29.63 17.05
N LEU B 221 8.67 -30.08 16.09
CA LEU B 221 8.16 -30.40 14.76
C LEU B 221 7.13 -31.52 14.84
N ALA B 222 6.00 -31.32 14.17
CA ALA B 222 4.94 -32.32 14.12
C ALA B 222 5.15 -33.23 12.91
N GLN B 223 4.88 -34.52 13.10
CA GLN B 223 5.02 -35.48 12.02
C GLN B 223 3.82 -35.50 11.09
N SER B 224 2.69 -34.93 11.50
CA SER B 224 1.50 -34.87 10.68
C SER B 224 1.49 -33.58 9.86
N GLN B 225 0.53 -33.48 8.95
CA GLN B 225 0.40 -32.33 8.07
C GLN B 225 -1.04 -31.84 8.06
N ILE B 226 -1.19 -30.51 7.94
CA ILE B 226 -2.49 -29.88 7.78
C ILE B 226 -2.47 -29.09 6.48
N SER B 227 -3.62 -29.07 5.79
CA SER B 227 -3.68 -28.41 4.49
C SER B 227 -3.83 -26.91 4.66
N ILE B 228 -3.54 -26.18 3.57
CA ILE B 228 -3.69 -24.73 3.59
C ILE B 228 -5.14 -24.35 3.83
N GLU B 229 -6.07 -25.11 3.26
CA GLU B 229 -7.48 -24.84 3.47
C GLU B 229 -7.91 -25.18 4.89
N ASP B 230 -7.45 -26.31 5.41
CA ASP B 230 -7.81 -26.70 6.77
C ASP B 230 -7.19 -25.77 7.81
N PHE B 231 -5.96 -25.31 7.55
CA PHE B 231 -5.33 -24.34 8.44
C PHE B 231 -6.11 -23.03 8.42
N ASN B 232 -6.52 -22.57 7.23
CA ASN B 232 -7.17 -21.27 7.12
C ASN B 232 -8.46 -21.20 7.94
N SER B 233 -9.16 -22.33 8.08
CA SER B 233 -10.33 -22.38 8.95
C SER B 233 -9.93 -22.15 10.40
N TRP B 234 -8.92 -22.90 10.87
CA TRP B 234 -8.44 -22.74 12.24
C TRP B 234 -7.87 -21.34 12.48
N ALA B 235 -7.35 -20.71 11.44
CA ALA B 235 -6.76 -19.38 11.59
C ALA B 235 -7.82 -18.32 11.83
N ALA B 236 -9.02 -18.50 11.31
CA ALA B 236 -10.08 -17.51 11.47
C ALA B 236 -10.52 -17.36 12.92
N ASN B 237 -10.30 -18.36 13.76
CA ASN B 237 -10.66 -18.30 15.17
C ASN B 237 -9.46 -18.26 16.10
N ASN B 238 -8.24 -18.33 15.57
CA ASN B 238 -7.03 -18.40 16.38
C ASN B 238 -6.06 -17.27 16.08
N SER B 239 -6.58 -16.13 15.58
CA SER B 239 -5.80 -14.90 15.42
C SER B 239 -4.58 -15.12 14.52
N PHE B 240 -4.76 -15.85 13.43
CA PHE B 240 -3.73 -16.03 12.42
C PHE B 240 -4.27 -15.53 11.09
N ALA B 241 -3.45 -14.75 10.38
CA ALA B 241 -3.88 -14.22 9.09
C ALA B 241 -4.01 -15.34 8.07
N ASN B 242 -4.77 -15.05 7.01
CA ASN B 242 -4.99 -16.03 5.96
C ASN B 242 -3.69 -16.33 5.22
N PHE B 243 -3.36 -17.61 5.09
CA PHE B 243 -2.12 -18.05 4.46
C PHE B 243 -2.40 -18.46 3.02
N PRO B 244 -1.58 -18.02 2.05
CA PRO B 244 -0.47 -17.10 2.28
C PRO B 244 -0.91 -15.64 2.33
N CYS B 245 -0.34 -14.88 3.28
CA CYS B 245 -0.64 -13.46 3.36
C CYS B 245 -0.15 -12.72 2.11
N GLU B 246 0.97 -13.14 1.55
CA GLU B 246 1.53 -12.56 0.33
C GLU B 246 1.91 -13.70 -0.60
N GLN B 247 1.30 -13.71 -1.79
CA GLN B 247 1.60 -14.77 -2.75
C GLN B 247 3.07 -14.77 -3.16
N THR B 248 3.71 -13.60 -3.14
CA THR B 248 5.13 -13.52 -3.50
C THR B 248 5.99 -14.31 -2.53
N ASN B 249 5.59 -14.36 -1.25
CA ASN B 249 6.38 -15.08 -0.25
C ASN B 249 6.38 -16.58 -0.47
N MET B 250 5.41 -17.10 -1.25
CA MET B 250 5.37 -18.54 -1.50
C MET B 250 6.56 -19.01 -2.32
N SER B 251 7.12 -18.12 -3.16
CA SER B 251 8.34 -18.46 -3.88
C SER B 251 9.46 -18.82 -2.92
N TYR B 252 9.61 -18.04 -1.84
CA TYR B 252 10.61 -18.35 -0.83
C TYR B 252 10.17 -19.53 0.04
N ILE B 253 8.88 -19.57 0.40
CA ILE B 253 8.39 -20.61 1.29
C ILE B 253 8.51 -21.98 0.63
N MET B 254 8.19 -22.08 -0.66
CA MET B 254 8.34 -23.36 -1.35
C MET B 254 9.81 -23.71 -1.54
N GLY B 255 10.65 -22.71 -1.82
CA GLY B 255 12.08 -22.96 -1.91
C GLY B 255 12.69 -23.36 -0.58
N LEU B 256 12.13 -22.86 0.52
CA LEU B 256 12.62 -23.25 1.85
C LEU B 256 12.17 -24.65 2.22
N SER B 257 10.95 -25.04 1.81
CA SER B 257 10.45 -26.37 2.15
C SER B 257 11.25 -27.46 1.46
N GLN B 258 11.56 -27.27 0.18
CA GLN B 258 12.36 -28.26 -0.53
C GLN B 258 13.81 -28.23 -0.04
N THR B 259 14.32 -27.06 0.34
CA THR B 259 15.66 -26.99 0.91
C THR B 259 15.74 -27.72 2.23
N ALA B 260 14.72 -27.56 3.08
CA ALA B 260 14.67 -28.23 4.37
C ALA B 260 14.01 -29.60 4.31
N ARG B 261 13.47 -29.98 3.15
CA ARG B 261 12.82 -31.28 2.94
C ARG B 261 11.64 -31.51 3.88
N VAL B 262 11.03 -30.44 4.37
CA VAL B 262 9.84 -30.54 5.20
C VAL B 262 8.77 -29.66 4.57
N PRO B 263 7.58 -30.18 4.29
CA PRO B 263 6.59 -29.42 3.53
C PRO B 263 6.01 -28.28 4.36
N VAL B 264 5.40 -27.33 3.65
CA VAL B 264 4.72 -26.22 4.31
C VAL B 264 3.46 -26.68 5.02
N GLU B 265 2.92 -27.84 4.64
CA GLU B 265 1.78 -28.40 5.35
C GLU B 265 2.18 -28.89 6.73
N ARG B 266 3.42 -29.38 6.88
CA ARG B 266 3.90 -29.77 8.20
C ARG B 266 4.16 -28.56 9.08
N ILE B 267 4.71 -27.48 8.50
CA ILE B 267 4.95 -26.26 9.26
C ILE B 267 3.62 -25.68 9.75
N LEU B 268 2.64 -25.58 8.86
CA LEU B 268 1.31 -25.12 9.26
C LEU B 268 0.71 -26.04 10.32
N ASN B 269 0.82 -27.35 10.12
CA ASN B 269 0.35 -28.30 11.13
C ASN B 269 1.09 -28.12 12.45
N THR B 270 2.39 -27.86 12.39
CA THR B 270 3.16 -27.62 13.61
C THR B 270 2.68 -26.36 14.31
N ILE B 271 2.34 -25.32 13.54
CA ILE B 271 1.86 -24.07 14.13
C ILE B 271 0.56 -24.30 14.88
N ILE B 272 -0.32 -25.15 14.34
CA ILE B 272 -1.54 -25.51 15.06
C ILE B 272 -1.20 -26.23 16.35
N GLN B 273 -0.27 -27.19 16.29
CA GLN B 273 0.11 -27.94 17.48
C GLN B 273 0.91 -27.09 18.46
N LEU B 274 1.71 -26.15 17.94
CA LEU B 274 2.50 -25.28 18.81
C LEU B 274 1.63 -24.33 19.63
N THR B 275 0.39 -24.08 19.18
CA THR B 275 -0.48 -23.15 19.89
C THR B 275 -0.84 -23.67 21.27
N THR B 276 -1.13 -24.96 21.39
CA THR B 276 -1.45 -25.55 22.68
C THR B 276 -0.28 -26.36 23.22
N PHE B 289 7.53 -8.81 18.20
CA PHE B 289 8.78 -8.47 18.87
C PHE B 289 9.85 -9.50 18.53
N GLU B 290 10.93 -9.51 19.32
CA GLU B 290 12.06 -10.44 19.16
C GLU B 290 12.68 -10.21 17.78
N CYS B 291 13.12 -11.27 17.10
CA CYS B 291 13.79 -11.19 15.81
C CYS B 291 12.85 -11.78 14.76
N ASP B 292 12.07 -10.91 14.11
CA ASP B 292 11.02 -11.35 13.20
C ASP B 292 11.62 -11.62 11.82
N TRP B 293 11.39 -12.82 11.31
CA TRP B 293 11.95 -13.25 10.03
C TRP B 293 10.90 -13.14 8.94
N THR B 294 11.29 -12.54 7.79
CA THR B 294 10.46 -12.58 6.61
C THR B 294 10.87 -13.74 5.71
N PRO B 295 9.95 -14.28 4.92
CA PRO B 295 10.31 -15.40 4.03
C PRO B 295 11.43 -15.06 3.06
N GLU B 296 11.49 -13.82 2.58
CA GLU B 296 12.56 -13.44 1.66
C GLU B 296 13.91 -13.40 2.35
N MET B 297 13.97 -12.83 3.56
CA MET B 297 15.24 -12.70 4.26
C MET B 297 15.80 -14.06 4.66
N VAL B 298 14.93 -15.02 5.00
CA VAL B 298 15.41 -16.36 5.34
C VAL B 298 15.96 -17.05 4.11
N TYR B 299 15.20 -17.02 3.01
CA TYR B 299 15.61 -17.72 1.80
C TYR B 299 16.86 -17.11 1.18
N ASN B 300 17.07 -15.80 1.35
CA ASN B 300 18.23 -15.16 0.75
C ASN B 300 19.53 -15.65 1.38
N GLN B 301 19.52 -15.91 2.68
CA GLN B 301 20.68 -16.42 3.38
C GLN B 301 20.76 -17.95 3.37
N ALA B 302 19.82 -18.62 2.74
CA ALA B 302 19.85 -20.07 2.64
C ALA B 302 20.64 -20.51 1.41
N PRO B 303 21.47 -21.53 1.53
CA PRO B 303 22.28 -21.97 0.38
C PRO B 303 21.45 -22.79 -0.60
N ILE B 304 21.72 -22.57 -1.88
CA ILE B 304 21.05 -23.26 -2.97
C ILE B 304 19.52 -23.08 -2.88
#